data_6MQH
#
_entry.id   6MQH
#
_cell.length_a   150.870
_cell.length_b   53.930
_cell.length_c   78.630
_cell.angle_alpha   90.000
_cell.angle_beta   90.000
_cell.angle_gamma   90.000
#
_symmetry.space_group_name_H-M   'P 21 21 2'
#
loop_
_entity.id
_entity.type
_entity.pdbx_description
1 polymer '4-hydroxy-tetrahydrodipicolinate synthase'
2 water water
#
_entity_poly.entity_id   1
_entity_poly.type   'polypeptide(L)'
_entity_poly.pdbx_seq_one_letter_code
;MAHHHHHHMANGTQDGIQIRGSVPAIVTPMLEDGGLDLAAFRKLIDWHIEEGTDALVVVGTSGESATLSVDEHVLMIETA
VKHAAKRIPIVAGAGGNSTTEAIELSKHAKAVGADATLQVVPYYNKPTQEGIYRHFKAIAEAVDLPVILYNVPGRTVADM
SNETTLRLAQVPGIIGVKDATGNIDRAAQLIKAAPAHFSIYSGDDPTAIALMLLGGHGNISVTANVAPRAMSELCRAALA
ADVKTAREIHMKLLSLHKHLFIEANPIPVKWALQQMGKIAGGIRLPLTPLDERCHETVRGALREAGLL
;
_entity_poly.pdbx_strand_id   A,B
#
# COMPACT_ATOMS: atom_id res chain seq x y z
N GLY A 16 -10.69 -20.12 24.49
CA GLY A 16 -10.28 -19.21 23.44
C GLY A 16 -10.44 -17.75 23.83
N ILE A 17 -9.65 -16.87 23.21
CA ILE A 17 -9.82 -15.44 23.42
C ILE A 17 -11.17 -15.03 22.84
N GLN A 18 -11.92 -14.25 23.62
CA GLN A 18 -13.26 -13.81 23.23
C GLN A 18 -13.22 -12.30 23.03
N ILE A 19 -13.22 -11.86 21.78
CA ILE A 19 -13.15 -10.45 21.41
C ILE A 19 -14.52 -10.04 20.89
N ARG A 20 -15.13 -9.06 21.55
CA ARG A 20 -16.53 -8.76 21.29
C ARG A 20 -16.81 -7.33 21.76
N GLY A 21 -17.65 -6.61 21.00
CA GLY A 21 -18.03 -5.28 21.46
C GLY A 21 -17.20 -4.15 20.89
N SER A 22 -16.88 -3.17 21.72
CA SER A 22 -16.24 -1.95 21.25
C SER A 22 -14.73 -2.09 21.35
N VAL A 23 -14.06 -2.03 20.19
CA VAL A 23 -12.61 -2.22 20.14
C VAL A 23 -11.97 -1.02 19.44
N PRO A 24 -11.60 0.02 20.18
CA PRO A 24 -10.90 1.13 19.54
C PRO A 24 -9.62 0.67 18.84
N ALA A 25 -9.43 1.18 17.63
CA ALA A 25 -8.12 1.12 16.97
C ALA A 25 -7.35 2.33 17.49
N ILE A 26 -6.60 2.12 18.56
CA ILE A 26 -6.11 3.25 19.36
C ILE A 26 -4.95 3.91 18.62
N VAL A 27 -4.93 5.25 18.68
CA VAL A 27 -3.82 6.00 18.09
C VAL A 27 -2.52 5.64 18.81
N THR A 28 -1.40 6.00 18.16
CA THR A 28 -0.07 5.94 18.76
C THR A 28 0.31 7.34 19.20
N PRO A 29 0.18 7.70 20.47
CA PRO A 29 0.54 9.05 20.92
C PRO A 29 2.02 9.33 20.65
N MET A 30 2.28 10.54 20.15
CA MET A 30 3.65 10.97 19.85
C MET A 30 3.94 12.32 20.44
N LEU A 31 5.20 12.53 20.84
CA LEU A 31 5.68 13.84 21.20
C LEU A 31 5.68 14.74 19.97
N GLU A 32 5.80 16.06 20.20
CA GLU A 32 5.72 16.98 19.08
C GLU A 32 6.74 16.66 17.99
N ASP A 33 7.87 16.05 18.35
CA ASP A 33 8.88 15.69 17.36
C ASP A 33 8.67 14.32 16.74
N GLY A 34 7.55 13.65 17.03
CA GLY A 34 7.25 12.35 16.47
C GLY A 34 7.69 11.16 17.28
N GLY A 35 8.54 11.35 18.30
CA GLY A 35 8.91 10.24 19.15
C GLY A 35 7.71 9.68 19.90
N LEU A 36 7.77 8.38 20.21
CA LEU A 36 6.71 7.75 20.98
C LEU A 36 6.47 8.45 22.31
N ASP A 37 5.20 8.57 22.70
CA ASP A 37 4.78 9.17 23.97
C ASP A 37 4.12 8.07 24.81
N LEU A 38 4.94 7.21 25.43
CA LEU A 38 4.40 6.06 26.14
C LEU A 38 3.62 6.48 27.39
N ALA A 39 4.02 7.58 28.05
CA ALA A 39 3.28 8.04 29.22
C ALA A 39 1.83 8.38 28.85
N ALA A 40 1.65 9.08 27.74
CA ALA A 40 0.29 9.40 27.29
C ALA A 40 -0.46 8.13 26.90
N PHE A 41 0.24 7.21 26.24
CA PHE A 41 -0.36 5.94 25.83
C PHE A 41 -0.87 5.15 27.04
N ARG A 42 -0.07 5.05 28.09
CA ARG A 42 -0.52 4.32 29.29
C ARG A 42 -1.76 4.97 29.90
N LYS A 43 -1.77 6.30 30.02
CA LYS A 43 -2.95 6.98 30.55
C LYS A 43 -4.18 6.75 29.67
N LEU A 44 -3.98 6.73 28.35
CA LEU A 44 -5.10 6.47 27.43
C LEU A 44 -5.67 5.09 27.66
N ILE A 45 -4.80 4.10 27.85
CA ILE A 45 -5.26 2.74 28.09
C ILE A 45 -6.10 2.67 29.37
N ASP A 46 -5.61 3.30 30.45
CA ASP A 46 -6.39 3.29 31.69
C ASP A 46 -7.74 3.99 31.49
N TRP A 47 -7.76 5.09 30.73
CA TRP A 47 -8.99 5.82 30.46
C TRP A 47 -9.98 4.95 29.69
N HIS A 48 -9.50 4.24 28.68
CA HIS A 48 -10.37 3.34 27.92
C HIS A 48 -10.98 2.26 28.80
N ILE A 49 -10.19 1.68 29.69
CA ILE A 49 -10.69 0.57 30.49
C ILE A 49 -11.77 1.06 31.45
N GLU A 50 -11.58 2.24 32.04
CA GLU A 50 -12.58 2.74 32.96
C GLU A 50 -13.82 3.23 32.21
N GLU A 51 -13.67 3.65 30.95
CA GLU A 51 -14.83 4.10 30.20
C GLU A 51 -15.65 2.96 29.60
N GLY A 52 -15.17 1.72 29.65
CA GLY A 52 -15.93 0.58 29.20
C GLY A 52 -15.46 -0.07 27.92
N THR A 53 -14.30 0.30 27.41
CA THR A 53 -13.77 -0.32 26.19
C THR A 53 -13.52 -1.82 26.41
N ASP A 54 -13.84 -2.62 25.39
CA ASP A 54 -13.82 -4.07 25.57
C ASP A 54 -12.49 -4.72 25.18
N ALA A 55 -11.83 -4.19 24.16
CA ALA A 55 -10.50 -4.62 23.75
C ALA A 55 -9.86 -3.45 23.02
N LEU A 56 -8.58 -3.61 22.69
CA LEU A 56 -7.86 -2.59 21.93
C LEU A 56 -7.09 -3.23 20.77
N VAL A 57 -7.16 -2.61 19.60
CA VAL A 57 -6.23 -2.90 18.51
C VAL A 57 -5.12 -1.86 18.58
N VAL A 58 -3.89 -2.34 18.75
CA VAL A 58 -2.70 -1.51 18.93
C VAL A 58 -1.86 -1.57 17.66
N VAL A 59 -1.33 -0.42 17.27
CA VAL A 59 -0.55 -0.20 16.04
C VAL A 59 -1.20 -0.88 14.82
N GLY A 60 -2.49 -0.63 14.64
CA GLY A 60 -3.13 -0.80 13.34
C GLY A 60 -2.99 0.49 12.55
N THR A 61 -3.79 0.59 11.48
CA THR A 61 -3.77 1.78 10.61
C THR A 61 -3.91 3.05 11.43
N SER A 62 -4.83 3.06 12.40
CA SER A 62 -5.05 4.23 13.22
C SER A 62 -3.86 4.53 14.12
N GLY A 63 -3.03 3.52 14.36
CA GLY A 63 -1.82 3.64 15.16
C GLY A 63 -0.57 3.91 14.34
N GLU A 64 -0.73 4.28 13.06
CA GLU A 64 0.39 4.70 12.20
C GLU A 64 1.45 3.60 12.05
N SER A 65 1.01 2.36 11.86
CA SER A 65 1.97 1.28 11.68
C SER A 65 2.93 1.52 10.52
N ALA A 66 2.49 2.24 9.48
CA ALA A 66 3.34 2.48 8.30
C ALA A 66 4.64 3.20 8.66
N THR A 67 4.65 4.02 9.71
CA THR A 67 5.77 4.92 9.92
C THR A 67 6.53 4.63 11.20
N LEU A 68 6.24 3.51 11.85
CA LEU A 68 6.99 3.05 13.00
C LEU A 68 8.06 2.06 12.57
N SER A 69 9.20 2.09 13.26
CA SER A 69 10.18 1.04 13.07
C SER A 69 9.68 -0.26 13.70
N VAL A 70 10.38 -1.37 13.39
CA VAL A 70 10.02 -2.64 14.03
C VAL A 70 10.19 -2.55 15.53
N ASP A 71 11.27 -1.92 16.01
CA ASP A 71 11.47 -1.75 17.45
C ASP A 71 10.36 -0.94 18.08
N GLU A 72 9.92 0.13 17.42
CA GLU A 72 8.85 0.96 17.97
C GLU A 72 7.51 0.22 17.93
N HIS A 73 7.26 -0.50 16.84
CA HIS A 73 6.05 -1.30 16.71
C HIS A 73 5.93 -2.30 17.86
N VAL A 74 7.00 -3.08 18.10
CA VAL A 74 6.95 -4.09 19.14
C VAL A 74 6.88 -3.44 20.52
N LEU A 75 7.57 -2.31 20.70
CA LEU A 75 7.52 -1.62 21.99
C LEU A 75 6.10 -1.14 22.30
N MET A 76 5.37 -0.69 21.27
CA MET A 76 3.99 -0.25 21.49
C MET A 76 3.12 -1.42 21.94
N ILE A 77 3.26 -2.58 21.29
CA ILE A 77 2.48 -3.76 21.69
C ILE A 77 2.81 -4.14 23.12
N GLU A 78 4.12 -4.22 23.44
CA GLU A 78 4.53 -4.67 24.76
C GLU A 78 4.01 -3.73 25.84
N THR A 79 4.14 -2.42 25.60
CA THR A 79 3.63 -1.39 26.50
C THR A 79 2.16 -1.59 26.78
N ALA A 80 1.36 -1.78 25.72
CA ALA A 80 -0.08 -2.02 25.89
C ALA A 80 -0.33 -3.29 26.68
N VAL A 81 0.37 -4.38 26.34
CA VAL A 81 0.15 -5.64 27.05
C VAL A 81 0.50 -5.49 28.53
N LYS A 82 1.68 -4.91 28.81
CA LYS A 82 2.07 -4.73 30.20
C LYS A 82 1.08 -3.84 30.95
N HIS A 83 0.70 -2.72 30.35
CA HIS A 83 -0.16 -1.80 31.10
C HIS A 83 -1.57 -2.34 31.23
N ALA A 84 -2.09 -2.98 30.18
CA ALA A 84 -3.45 -3.52 30.27
C ALA A 84 -3.54 -4.57 31.37
N ALA A 85 -2.47 -5.35 31.56
CA ALA A 85 -2.36 -6.30 32.67
C ALA A 85 -3.50 -7.30 32.66
N LYS A 86 -3.85 -7.77 31.46
CA LYS A 86 -4.87 -8.77 31.20
C LYS A 86 -6.28 -8.29 31.55
N ARG A 87 -6.47 -6.99 31.81
CA ARG A 87 -7.81 -6.48 32.08
C ARG A 87 -8.71 -6.54 30.85
N ILE A 88 -8.14 -6.29 29.68
CA ILE A 88 -8.84 -6.44 28.40
C ILE A 88 -7.89 -7.07 27.41
N PRO A 89 -8.43 -7.68 26.34
CA PRO A 89 -7.54 -8.23 25.30
C PRO A 89 -6.85 -7.14 24.50
N ILE A 90 -5.61 -7.43 24.11
CA ILE A 90 -4.79 -6.55 23.27
C ILE A 90 -4.56 -7.26 21.93
N VAL A 91 -5.05 -6.67 20.85
CA VAL A 91 -4.84 -7.19 19.49
C VAL A 91 -3.81 -6.30 18.82
N ALA A 92 -2.73 -6.91 18.32
CA ALA A 92 -1.65 -6.18 17.66
C ALA A 92 -1.82 -6.18 16.16
N GLY A 93 -1.87 -5.00 15.54
CA GLY A 93 -1.70 -4.93 14.10
C GLY A 93 -0.34 -5.51 13.76
N ALA A 94 -0.28 -6.39 12.77
CA ALA A 94 0.98 -7.07 12.49
C ALA A 94 1.06 -7.53 11.04
N GLY A 95 0.18 -7.02 10.17
CA GLY A 95 0.11 -7.45 8.79
C GLY A 95 0.84 -6.49 7.86
N GLY A 96 0.83 -6.86 6.59
CA GLY A 96 1.44 -6.05 5.56
C GLY A 96 1.33 -6.75 4.22
N ASN A 97 2.02 -6.22 3.22
CA ASN A 97 1.92 -6.79 1.88
C ASN A 97 3.05 -7.73 1.57
N SER A 98 3.82 -8.14 2.58
CA SER A 98 4.85 -9.15 2.43
C SER A 98 4.53 -10.27 3.41
N THR A 99 4.43 -11.49 2.90
CA THR A 99 4.05 -12.58 3.80
C THR A 99 5.13 -12.83 4.84
N THR A 100 6.42 -12.77 4.44
CA THR A 100 7.48 -13.02 5.40
C THR A 100 7.56 -11.92 6.46
N GLU A 101 7.30 -10.66 6.07
CA GLU A 101 7.34 -9.60 7.08
CA GLU A 101 7.31 -9.57 7.06
C GLU A 101 6.18 -9.73 8.06
N ALA A 102 5.00 -10.11 7.57
CA ALA A 102 3.85 -10.31 8.46
C ALA A 102 4.10 -11.46 9.43
N ILE A 103 4.73 -12.53 8.95
CA ILE A 103 5.09 -13.64 9.85
C ILE A 103 6.04 -13.16 10.93
N GLU A 104 7.09 -12.40 10.56
CA GLU A 104 8.05 -11.95 11.56
C GLU A 104 7.42 -11.01 12.57
N LEU A 105 6.57 -10.08 12.12
CA LEU A 105 5.90 -9.18 13.07
C LEU A 105 4.97 -9.95 13.99
N SER A 106 4.29 -10.98 13.46
CA SER A 106 3.39 -11.77 14.29
C SER A 106 4.16 -12.52 15.37
N LYS A 107 5.35 -13.02 15.03
CA LYS A 107 6.18 -13.66 16.04
C LYS A 107 6.51 -12.71 17.17
N HIS A 108 6.82 -11.45 16.83
CA HIS A 108 7.12 -10.47 17.86
C HIS A 108 5.90 -10.21 18.73
N ALA A 109 4.73 -10.08 18.10
CA ALA A 109 3.51 -9.80 18.85
C ALA A 109 3.21 -10.93 19.82
N LYS A 110 3.31 -12.17 19.35
CA LYS A 110 3.19 -13.29 20.27
C LYS A 110 4.21 -13.19 21.40
N ALA A 111 5.46 -12.84 21.09
CA ALA A 111 6.51 -12.94 22.11
C ALA A 111 6.32 -11.95 23.24
N VAL A 112 5.71 -10.78 22.97
CA VAL A 112 5.44 -9.80 24.01
C VAL A 112 4.02 -9.91 24.56
N GLY A 113 3.32 -11.01 24.26
CA GLY A 113 2.10 -11.32 24.96
C GLY A 113 0.82 -10.73 24.40
N ALA A 114 0.78 -10.36 23.13
CA ALA A 114 -0.47 -9.97 22.48
C ALA A 114 -1.43 -11.15 22.46
N ASP A 115 -2.74 -10.86 22.49
CA ASP A 115 -3.72 -11.93 22.48
C ASP A 115 -4.10 -12.40 21.10
N ALA A 116 -3.78 -11.62 20.08
CA ALA A 116 -4.11 -11.93 18.69
C ALA A 116 -3.42 -10.87 17.83
N THR A 117 -3.33 -11.15 16.53
CA THR A 117 -2.94 -10.12 15.56
C THR A 117 -4.12 -9.77 14.66
N LEU A 118 -4.11 -8.53 14.20
CA LEU A 118 -5.01 -8.03 13.16
C LEU A 118 -4.19 -7.97 11.88
N GLN A 119 -4.68 -8.62 10.83
CA GLN A 119 -3.89 -8.84 9.61
C GLN A 119 -4.59 -8.22 8.42
N VAL A 120 -4.05 -7.11 7.91
CA VAL A 120 -4.66 -6.44 6.75
C VAL A 120 -4.39 -7.26 5.48
N VAL A 121 -5.35 -7.20 4.54
CA VAL A 121 -5.13 -7.69 3.18
C VAL A 121 -3.97 -6.92 2.55
N PRO A 122 -3.08 -7.55 1.79
CA PRO A 122 -1.95 -6.81 1.20
C PRO A 122 -2.38 -5.61 0.38
N TYR A 123 -1.79 -4.47 0.68
CA TYR A 123 -1.98 -3.25 -0.08
C TYR A 123 -0.95 -3.16 -1.19
N TYR A 124 -1.29 -2.39 -2.21
CA TYR A 124 -0.37 -1.94 -3.26
C TYR A 124 -0.01 -3.01 -4.29
N ASN A 125 0.41 -4.21 -3.86
CA ASN A 125 0.86 -5.16 -4.87
C ASN A 125 -0.26 -6.04 -5.43
N LYS A 126 -1.52 -5.85 -5.01
CA LYS A 126 -2.69 -6.40 -5.67
C LYS A 126 -2.65 -7.92 -5.89
N PRO A 127 -2.49 -8.71 -4.82
CA PRO A 127 -2.53 -10.16 -4.98
C PRO A 127 -3.88 -10.67 -5.46
N THR A 128 -3.84 -11.83 -6.10
CA THR A 128 -5.05 -12.55 -6.49
C THR A 128 -5.77 -13.06 -5.25
N GLN A 129 -6.99 -13.56 -5.44
CA GLN A 129 -7.70 -14.16 -4.30
C GLN A 129 -6.92 -15.34 -3.74
N GLU A 130 -6.31 -16.15 -4.61
CA GLU A 130 -5.54 -17.27 -4.10
C GLU A 130 -4.30 -16.79 -3.36
N GLY A 131 -3.68 -15.71 -3.84
CA GLY A 131 -2.54 -15.15 -3.13
C GLY A 131 -2.92 -14.60 -1.76
N ILE A 132 -4.11 -14.00 -1.67
CA ILE A 132 -4.60 -13.52 -0.37
C ILE A 132 -4.83 -14.70 0.57
N TYR A 133 -5.46 -15.77 0.06
CA TYR A 133 -5.67 -16.98 0.87
C TYR A 133 -4.36 -17.54 1.39
N ARG A 134 -3.37 -17.69 0.51
CA ARG A 134 -2.11 -18.32 0.91
CA ARG A 134 -2.13 -18.34 0.93
C ARG A 134 -1.32 -17.44 1.87
N HIS A 135 -1.41 -16.12 1.67
CA HIS A 135 -0.79 -15.16 2.56
C HIS A 135 -1.30 -15.36 3.99
N PHE A 136 -2.60 -15.25 4.17
CA PHE A 136 -3.18 -15.38 5.51
C PHE A 136 -2.97 -16.79 6.06
N LYS A 137 -3.12 -17.81 5.23
CA LYS A 137 -2.92 -19.18 5.70
C LYS A 137 -1.49 -19.38 6.18
N ALA A 138 -0.53 -18.77 5.49
CA ALA A 138 0.86 -18.94 5.91
C ALA A 138 1.13 -18.23 7.23
N ILE A 139 0.51 -17.07 7.42
CA ILE A 139 0.64 -16.34 8.68
C ILE A 139 0.03 -17.13 9.82
N ALA A 140 -1.19 -17.64 9.61
CA ALA A 140 -1.86 -18.40 10.67
C ALA A 140 -1.05 -19.64 11.06
N GLU A 141 -0.46 -20.30 10.07
CA GLU A 141 0.26 -21.53 10.37
C GLU A 141 1.61 -21.25 11.01
N ALA A 142 2.24 -20.13 10.68
CA ALA A 142 3.62 -19.91 11.12
C ALA A 142 3.69 -19.48 12.58
N VAL A 143 2.64 -18.87 13.11
CA VAL A 143 2.65 -18.32 14.45
C VAL A 143 1.39 -18.75 15.18
N ASP A 144 1.57 -19.46 16.30
CA ASP A 144 0.45 -20.02 17.04
C ASP A 144 -0.20 -18.92 17.89
N LEU A 145 -0.96 -18.05 17.23
CA LEU A 145 -1.66 -16.98 17.90
C LEU A 145 -2.85 -16.63 17.03
N PRO A 146 -3.98 -16.26 17.61
CA PRO A 146 -5.17 -16.00 16.78
C PRO A 146 -4.96 -14.84 15.79
N VAL A 147 -5.66 -14.95 14.66
CA VAL A 147 -5.61 -13.98 13.57
C VAL A 147 -7.00 -13.44 13.32
N ILE A 148 -7.13 -12.11 13.30
CA ILE A 148 -8.33 -11.45 12.81
C ILE A 148 -7.96 -10.82 11.48
N LEU A 149 -8.69 -11.20 10.43
CA LEU A 149 -8.45 -10.65 9.10
C LEU A 149 -8.95 -9.20 9.03
N TYR A 150 -8.40 -8.42 8.09
CA TYR A 150 -8.85 -7.03 7.94
C TYR A 150 -8.97 -6.70 6.46
N ASN A 151 -10.20 -6.49 5.99
CA ASN A 151 -10.47 -6.11 4.60
C ASN A 151 -10.86 -4.63 4.56
N VAL A 152 -10.04 -3.83 3.88
CA VAL A 152 -10.29 -2.39 3.75
C VAL A 152 -9.88 -2.01 2.32
N PRO A 153 -10.66 -2.41 1.31
CA PRO A 153 -10.25 -2.14 -0.09
C PRO A 153 -10.10 -0.67 -0.40
N GLY A 154 -10.78 0.19 0.35
CA GLY A 154 -10.64 1.62 0.19
C GLY A 154 -9.22 2.11 0.45
N ARG A 155 -8.41 1.29 1.11
CA ARG A 155 -6.99 1.58 1.29
CA ARG A 155 -6.98 1.55 1.34
C ARG A 155 -6.07 0.60 0.57
N THR A 156 -6.45 -0.67 0.44
CA THR A 156 -5.56 -1.72 -0.12
C THR A 156 -5.71 -1.94 -1.63
N VAL A 157 -6.83 -1.51 -2.22
CA VAL A 157 -7.26 -1.82 -3.60
C VAL A 157 -7.69 -3.28 -3.71
N ALA A 158 -6.79 -4.22 -3.37
CA ALA A 158 -7.21 -5.62 -3.32
C ALA A 158 -8.36 -5.80 -2.35
N ASP A 159 -9.30 -6.66 -2.74
CA ASP A 159 -10.56 -6.81 -2.01
C ASP A 159 -10.74 -8.30 -1.78
N MET A 160 -10.63 -8.73 -0.52
CA MET A 160 -10.83 -10.14 -0.20
C MET A 160 -12.31 -10.45 -0.30
N SER A 161 -12.68 -11.29 -1.26
CA SER A 161 -14.07 -11.64 -1.45
C SER A 161 -14.61 -12.40 -0.25
N ASN A 162 -15.94 -12.39 -0.11
CA ASN A 162 -16.56 -13.20 0.93
C ASN A 162 -16.16 -14.66 0.80
N GLU A 163 -16.06 -15.17 -0.43
CA GLU A 163 -15.74 -16.58 -0.60
C GLU A 163 -14.36 -16.89 -0.06
N THR A 164 -13.38 -16.02 -0.38
CA THR A 164 -12.04 -16.18 0.19
C THR A 164 -12.06 -16.06 1.72
N THR A 165 -12.76 -15.06 2.24
CA THR A 165 -12.88 -14.91 3.70
C THR A 165 -13.41 -16.19 4.34
N LEU A 166 -14.43 -16.80 3.74
CA LEU A 166 -15.03 -17.99 4.36
C LEU A 166 -14.16 -19.23 4.18
N ARG A 167 -13.32 -19.27 3.14
CA ARG A 167 -12.31 -20.33 3.09
C ARG A 167 -11.34 -20.22 4.25
N LEU A 168 -10.92 -18.99 4.57
CA LEU A 168 -9.96 -18.78 5.67
C LEU A 168 -10.60 -19.00 7.02
N ALA A 169 -11.93 -18.91 7.12
CA ALA A 169 -12.60 -19.25 8.37
C ALA A 169 -12.42 -20.71 8.73
N GLN A 170 -12.06 -21.57 7.76
CA GLN A 170 -11.83 -22.99 7.98
C GLN A 170 -10.38 -23.29 8.38
N VAL A 171 -9.49 -22.30 8.36
CA VAL A 171 -8.09 -22.47 8.72
C VAL A 171 -7.93 -22.30 10.23
N PRO A 172 -7.34 -23.27 10.93
CA PRO A 172 -7.16 -23.11 12.38
C PRO A 172 -6.38 -21.84 12.71
N GLY A 173 -6.88 -21.10 13.72
CA GLY A 173 -6.24 -19.88 14.18
C GLY A 173 -6.90 -18.61 13.70
N ILE A 174 -7.68 -18.68 12.63
CA ILE A 174 -8.26 -17.48 12.03
C ILE A 174 -9.67 -17.33 12.61
N ILE A 175 -9.85 -16.32 13.46
CA ILE A 175 -11.02 -16.27 14.34
C ILE A 175 -12.01 -15.19 13.96
N GLY A 176 -11.74 -14.40 12.92
CA GLY A 176 -12.70 -13.37 12.57
C GLY A 176 -12.19 -12.50 11.44
N VAL A 177 -13.00 -11.49 11.10
CA VAL A 177 -12.64 -10.53 10.06
C VAL A 177 -13.18 -9.16 10.43
N LYS A 178 -12.35 -8.14 10.25
CA LYS A 178 -12.76 -6.75 10.34
C LYS A 178 -13.09 -6.31 8.92
N ASP A 179 -14.37 -5.99 8.68
CA ASP A 179 -14.90 -5.60 7.38
C ASP A 179 -15.13 -4.10 7.38
N ALA A 180 -14.26 -3.37 6.67
CA ALA A 180 -14.31 -1.92 6.63
C ALA A 180 -15.07 -1.38 5.42
N THR A 181 -15.76 -2.24 4.66
CA THR A 181 -16.39 -1.78 3.43
C THR A 181 -17.59 -0.88 3.66
N GLY A 182 -18.27 -1.01 4.81
CA GLY A 182 -19.56 -0.37 5.00
C GLY A 182 -20.65 -0.94 4.12
N ASN A 183 -20.39 -2.06 3.46
CA ASN A 183 -21.31 -2.71 2.55
C ASN A 183 -22.16 -3.66 3.38
N ILE A 184 -23.38 -3.25 3.68
CA ILE A 184 -24.17 -3.99 4.65
C ILE A 184 -24.76 -5.26 4.03
N ASP A 185 -24.95 -5.28 2.71
CA ASP A 185 -25.29 -6.52 2.03
C ASP A 185 -24.19 -7.56 2.23
N ARG A 186 -22.94 -7.16 1.99
CA ARG A 186 -21.82 -8.09 2.14
C ARG A 186 -21.70 -8.59 3.57
N ALA A 187 -21.94 -7.72 4.55
CA ALA A 187 -21.89 -8.14 5.95
C ALA A 187 -22.99 -9.15 6.27
N ALA A 188 -24.20 -8.95 5.77
CA ALA A 188 -25.25 -9.96 6.02
C ALA A 188 -24.86 -11.29 5.42
N GLN A 189 -24.23 -11.26 4.24
CA GLN A 189 -23.82 -12.51 3.61
C GLN A 189 -22.79 -13.23 4.46
N LEU A 190 -21.84 -12.49 5.03
CA LEU A 190 -20.80 -13.11 5.87
C LEU A 190 -21.37 -13.62 7.17
N ILE A 191 -22.23 -12.83 7.83
CA ILE A 191 -22.86 -13.26 9.08
C ILE A 191 -23.64 -14.55 8.87
N LYS A 192 -24.39 -14.63 7.78
CA LYS A 192 -25.24 -15.79 7.53
C LYS A 192 -24.41 -17.05 7.31
N ALA A 193 -23.31 -16.92 6.59
CA ALA A 193 -22.54 -18.08 6.17
C ALA A 193 -21.38 -18.43 7.10
N ALA A 194 -21.08 -17.58 8.10
CA ALA A 194 -19.87 -17.77 8.88
C ALA A 194 -20.02 -18.95 9.83
N PRO A 195 -18.96 -19.73 10.03
CA PRO A 195 -18.98 -20.76 11.08
C PRO A 195 -19.14 -20.13 12.46
N ALA A 196 -19.62 -20.93 13.41
CA ALA A 196 -19.88 -20.45 14.77
C ALA A 196 -18.65 -19.82 15.44
N HIS A 197 -17.46 -20.31 15.14
CA HIS A 197 -16.26 -19.79 15.81
C HIS A 197 -15.75 -18.48 15.23
N PHE A 198 -16.40 -17.93 14.19
CA PHE A 198 -15.80 -16.92 13.34
C PHE A 198 -16.57 -15.61 13.48
N SER A 199 -15.92 -14.58 13.98
CA SER A 199 -16.56 -13.30 14.32
C SER A 199 -16.45 -12.28 13.18
N ILE A 200 -17.53 -11.53 12.98
CA ILE A 200 -17.59 -10.47 11.96
C ILE A 200 -17.58 -9.14 12.71
N TYR A 201 -16.53 -8.34 12.52
CA TYR A 201 -16.42 -7.03 13.16
C TYR A 201 -16.56 -5.95 12.11
N SER A 202 -17.22 -4.86 12.47
CA SER A 202 -17.24 -3.71 11.57
C SER A 202 -15.89 -3.01 11.62
N GLY A 203 -15.49 -2.46 10.48
CA GLY A 203 -14.40 -1.51 10.42
C GLY A 203 -14.85 -0.15 9.90
N ASP A 204 -16.16 0.10 9.96
CA ASP A 204 -16.75 1.29 9.36
C ASP A 204 -17.71 1.90 10.36
N ASP A 205 -17.24 2.89 11.13
CA ASP A 205 -18.07 3.48 12.18
C ASP A 205 -19.45 3.92 11.70
N PRO A 206 -19.61 4.53 10.52
CA PRO A 206 -20.96 4.98 10.13
C PRO A 206 -21.97 3.87 9.95
N THR A 207 -21.56 2.62 9.71
CA THR A 207 -22.51 1.53 9.47
C THR A 207 -22.41 0.43 10.51
N ALA A 208 -21.52 0.56 11.48
CA ALA A 208 -21.25 -0.55 12.39
C ALA A 208 -22.52 -0.99 13.11
N ILE A 209 -23.39 -0.03 13.43
CA ILE A 209 -24.62 -0.36 14.15
C ILE A 209 -25.44 -1.38 13.37
N ALA A 210 -25.49 -1.22 12.04
CA ALA A 210 -26.26 -2.14 11.22
C ALA A 210 -25.60 -3.52 11.18
N LEU A 211 -24.29 -3.55 10.99
CA LEU A 211 -23.58 -4.84 10.99
C LEU A 211 -23.83 -5.61 12.28
N MET A 212 -23.84 -4.90 13.40
CA MET A 212 -24.04 -5.57 14.68
C MET A 212 -25.49 -5.98 14.86
N LEU A 213 -26.43 -5.12 14.43
CA LEU A 213 -27.84 -5.51 14.59
C LEU A 213 -28.18 -6.72 13.73
N LEU A 214 -27.46 -6.93 12.64
CA LEU A 214 -27.73 -8.06 11.76
C LEU A 214 -27.10 -9.36 12.26
N GLY A 215 -26.29 -9.29 13.31
CA GLY A 215 -25.72 -10.48 13.92
C GLY A 215 -24.21 -10.48 14.02
N GLY A 216 -23.51 -9.40 13.64
CA GLY A 216 -22.08 -9.32 13.82
C GLY A 216 -21.71 -9.17 15.27
N HIS A 217 -20.39 -9.04 15.51
CA HIS A 217 -19.87 -9.28 16.84
C HIS A 217 -19.16 -8.10 17.49
N GLY A 218 -19.01 -6.96 16.81
CA GLY A 218 -18.30 -5.85 17.40
C GLY A 218 -17.93 -4.82 16.36
N ASN A 219 -17.23 -3.79 16.83
CA ASN A 219 -16.87 -2.65 16.00
C ASN A 219 -15.44 -2.27 16.36
N ILE A 220 -14.52 -2.39 15.41
CA ILE A 220 -13.15 -1.96 15.61
C ILE A 220 -13.03 -0.55 15.04
N SER A 221 -12.85 0.43 15.93
CA SER A 221 -13.46 1.74 15.77
C SER A 221 -12.45 2.88 15.81
N VAL A 222 -12.69 3.90 15.00
CA VAL A 222 -12.03 5.20 15.12
C VAL A 222 -12.74 6.08 16.15
N THR A 223 -14.06 6.23 16.00
CA THR A 223 -14.82 7.10 16.89
C THR A 223 -14.61 6.76 18.36
N ALA A 224 -14.45 5.46 18.67
CA ALA A 224 -14.29 5.07 20.06
C ALA A 224 -12.98 5.58 20.66
N ASN A 225 -12.05 6.08 19.84
CA ASN A 225 -10.88 6.76 20.39
C ASN A 225 -11.25 7.98 21.24
N VAL A 226 -12.31 8.70 20.85
CA VAL A 226 -12.70 9.91 21.57
C VAL A 226 -13.97 9.74 22.39
N ALA A 227 -14.78 8.73 22.10
CA ALA A 227 -16.04 8.47 22.80
C ALA A 227 -16.11 7.00 23.20
N PRO A 228 -15.15 6.52 24.00
CA PRO A 228 -15.13 5.09 24.32
C PRO A 228 -16.37 4.61 25.08
N ARG A 229 -16.90 5.42 26.00
CA ARG A 229 -18.06 4.99 26.77
C ARG A 229 -19.31 4.91 25.89
N ALA A 230 -19.57 5.95 25.11
CA ALA A 230 -20.70 5.93 24.18
C ALA A 230 -20.60 4.76 23.22
N MET A 231 -19.42 4.55 22.63
CA MET A 231 -19.30 3.46 21.67
C MET A 231 -19.46 2.11 22.33
N SER A 232 -19.00 1.97 23.57
CA SER A 232 -19.20 0.72 24.28
CA SER A 232 -19.20 0.71 24.30
C SER A 232 -20.68 0.46 24.53
N GLU A 233 -21.43 1.51 24.87
CA GLU A 233 -22.86 1.37 25.10
C GLU A 233 -23.60 1.06 23.81
N LEU A 234 -23.16 1.67 22.69
CA LEU A 234 -23.79 1.41 21.40
C LEU A 234 -23.58 -0.04 21.00
N CYS A 235 -22.34 -0.53 21.11
CA CYS A 235 -22.07 -1.93 20.78
C CYS A 235 -22.86 -2.87 21.69
N ARG A 236 -22.85 -2.60 23.00
CA ARG A 236 -23.58 -3.46 23.94
C ARG A 236 -25.05 -3.56 23.54
N ALA A 237 -25.68 -2.43 23.22
CA ALA A 237 -27.08 -2.44 22.85
C ALA A 237 -27.29 -3.12 21.50
N ALA A 238 -26.47 -2.79 20.50
CA ALA A 238 -26.66 -3.40 19.18
C ALA A 238 -26.51 -4.92 19.24
N LEU A 239 -25.55 -5.40 20.04
CA LEU A 239 -25.35 -6.84 20.17
C LEU A 239 -26.45 -7.50 20.97
N ALA A 240 -27.18 -6.75 21.80
CA ALA A 240 -28.32 -7.26 22.53
C ALA A 240 -29.62 -7.06 21.77
N ALA A 241 -29.54 -6.68 20.48
CA ALA A 241 -30.70 -6.52 19.60
C ALA A 241 -31.61 -5.38 20.07
N ASP A 242 -31.04 -4.43 20.80
CA ASP A 242 -31.79 -3.28 21.35
C ASP A 242 -31.58 -2.12 20.37
N VAL A 243 -32.47 -2.04 19.39
CA VAL A 243 -32.35 -1.04 18.33
C VAL A 243 -32.49 0.37 18.88
N LYS A 244 -33.50 0.58 19.72
CA LYS A 244 -33.80 1.95 20.14
C LYS A 244 -32.61 2.56 20.87
N THR A 245 -32.04 1.82 21.82
CA THR A 245 -30.90 2.35 22.57
C THR A 245 -29.70 2.57 21.65
N ALA A 246 -29.41 1.59 20.80
CA ALA A 246 -28.24 1.71 19.94
C ALA A 246 -28.40 2.88 18.96
N ARG A 247 -29.60 3.03 18.37
CA ARG A 247 -29.74 4.05 17.33
C ARG A 247 -29.76 5.44 17.94
N GLU A 248 -30.26 5.58 19.16
CA GLU A 248 -30.20 6.89 19.82
C GLU A 248 -28.76 7.32 20.04
N ILE A 249 -27.89 6.41 20.48
CA ILE A 249 -26.48 6.76 20.65
C ILE A 249 -25.86 7.07 19.30
N HIS A 250 -26.06 6.17 18.33
CA HIS A 250 -25.53 6.34 16.98
C HIS A 250 -25.88 7.70 16.40
N MET A 251 -27.16 8.08 16.48
CA MET A 251 -27.54 9.38 15.91
C MET A 251 -26.81 10.53 16.60
N LYS A 252 -26.56 10.41 17.92
CA LYS A 252 -25.81 11.45 18.60
C LYS A 252 -24.37 11.56 18.11
N LEU A 253 -23.77 10.44 17.69
CA LEU A 253 -22.38 10.42 17.23
C LEU A 253 -22.23 10.61 15.73
N LEU A 254 -23.32 10.88 15.03
CA LEU A 254 -23.31 10.84 13.57
C LEU A 254 -22.31 11.84 12.99
N SER A 255 -22.27 13.05 13.56
CA SER A 255 -21.34 14.07 13.05
C SER A 255 -19.90 13.67 13.34
N LEU A 256 -19.65 13.04 14.49
CA LEU A 256 -18.31 12.52 14.78
C LEU A 256 -17.91 11.43 13.79
N HIS A 257 -18.78 10.43 13.58
CA HIS A 257 -18.47 9.38 12.60
C HIS A 257 -18.06 9.99 11.26
N LYS A 258 -18.67 11.11 10.89
CA LYS A 258 -18.37 11.74 9.61
C LYS A 258 -17.09 12.56 9.67
N HIS A 259 -17.00 13.50 10.62
CA HIS A 259 -15.93 14.48 10.59
C HIS A 259 -14.60 13.93 11.11
N LEU A 260 -14.59 12.79 11.80
CA LEU A 260 -13.28 12.19 12.08
C LEU A 260 -12.62 11.61 10.83
N PHE A 261 -13.25 11.71 9.66
CA PHE A 261 -12.64 11.34 8.39
C PHE A 261 -12.58 12.52 7.44
N ILE A 262 -12.69 13.74 7.97
CA ILE A 262 -12.66 14.92 7.12
C ILE A 262 -11.34 14.98 6.34
N GLU A 263 -10.25 14.50 6.95
CA GLU A 263 -9.06 14.04 6.26
C GLU A 263 -8.79 12.60 6.69
N ALA A 264 -7.83 11.97 6.03
CA ALA A 264 -7.62 10.53 6.20
C ALA A 264 -7.32 10.18 7.64
N ASN A 265 -8.08 9.23 8.18
CA ASN A 265 -7.78 8.67 9.48
C ASN A 265 -6.33 8.21 9.50
N PRO A 266 -5.56 8.49 10.57
CA PRO A 266 -5.94 9.12 11.84
C PRO A 266 -5.66 10.63 11.99
N ILE A 267 -5.52 11.37 10.89
CA ILE A 267 -5.24 12.81 11.03
C ILE A 267 -6.28 13.51 11.89
N PRO A 268 -7.59 13.39 11.63
CA PRO A 268 -8.54 14.13 12.50
C PRO A 268 -8.61 13.60 13.92
N VAL A 269 -8.60 12.27 14.13
CA VAL A 269 -8.79 11.78 15.50
C VAL A 269 -7.59 12.13 16.38
N LYS A 270 -6.39 12.25 15.82
CA LYS A 270 -5.29 12.68 16.66
C LYS A 270 -5.40 14.15 17.02
N TRP A 271 -5.87 14.99 16.08
CA TRP A 271 -6.08 16.39 16.45
C TRP A 271 -7.18 16.50 17.49
N ALA A 272 -8.23 15.69 17.34
CA ALA A 272 -9.31 15.67 18.34
C ALA A 272 -8.79 15.34 19.73
N LEU A 273 -7.97 14.28 19.85
CA LEU A 273 -7.48 13.90 21.16
C LEU A 273 -6.54 14.95 21.73
N GLN A 274 -5.80 15.65 20.86
CA GLN A 274 -4.99 16.76 21.35
C GLN A 274 -5.86 17.88 21.90
N GLN A 275 -6.99 18.18 21.24
CA GLN A 275 -7.89 19.20 21.76
C GLN A 275 -8.50 18.79 23.09
N MET A 276 -8.75 17.49 23.26
CA MET A 276 -9.25 16.93 24.51
C MET A 276 -8.18 16.84 25.57
N GLY A 277 -6.93 17.17 25.24
CA GLY A 277 -5.87 17.16 26.23
C GLY A 277 -5.27 15.80 26.51
N LYS A 278 -5.51 14.80 25.66
CA LYS A 278 -5.04 13.46 25.99
C LYS A 278 -3.73 13.09 25.32
N ILE A 279 -3.34 13.76 24.24
CA ILE A 279 -2.08 13.50 23.56
C ILE A 279 -1.47 14.81 23.08
N ALA A 280 -0.18 14.76 22.79
CA ALA A 280 0.53 15.84 22.10
C ALA A 280 0.28 15.76 20.59
N GLY A 281 0.86 16.69 19.84
CA GLY A 281 0.56 16.87 18.43
C GLY A 281 1.33 16.01 17.44
N GLY A 282 2.24 15.16 17.89
CA GLY A 282 3.10 14.45 16.95
C GLY A 282 2.32 13.52 16.04
N ILE A 283 2.73 13.49 14.77
CA ILE A 283 2.20 12.63 13.74
C ILE A 283 3.26 12.61 12.64
N ARG A 284 3.44 11.45 12.00
CA ARG A 284 4.64 11.23 11.17
C ARG A 284 4.33 11.31 9.68
N LEU A 285 5.19 12.03 8.95
CA LEU A 285 5.08 12.09 7.50
C LEU A 285 5.04 10.68 6.93
N PRO A 286 4.23 10.43 5.89
CA PRO A 286 3.58 11.46 5.07
C PRO A 286 2.24 11.95 5.60
N LEU A 287 1.80 11.47 6.77
CA LEU A 287 0.65 12.08 7.39
C LEU A 287 1.05 13.45 7.95
N THR A 288 0.06 14.32 8.12
CA THR A 288 0.26 15.72 8.48
C THR A 288 -0.78 16.12 9.52
N PRO A 289 -0.47 17.12 10.36
CA PRO A 289 -1.48 17.62 11.29
C PRO A 289 -2.72 18.11 10.53
N LEU A 290 -3.87 17.96 11.18
CA LEU A 290 -5.15 18.29 10.55
C LEU A 290 -5.11 19.70 9.98
N ASP A 291 -5.54 19.83 8.73
CA ASP A 291 -5.58 21.12 8.08
C ASP A 291 -6.40 22.13 8.90
N GLU A 292 -5.83 23.31 9.08
CA GLU A 292 -6.42 24.44 9.79
C GLU A 292 -7.87 24.67 9.36
N ARG A 293 -8.11 24.57 8.05
CA ARG A 293 -9.43 24.80 7.50
C ARG A 293 -10.47 23.82 8.04
N CYS A 294 -10.05 22.68 8.58
CA CYS A 294 -10.94 21.65 9.09
C CYS A 294 -11.19 21.75 10.58
N HIS A 295 -10.46 22.62 11.29
CA HIS A 295 -10.44 22.58 12.75
C HIS A 295 -11.82 22.87 13.34
N GLU A 296 -12.47 23.94 12.87
CA GLU A 296 -13.75 24.34 13.43
C GLU A 296 -14.82 23.27 13.19
N THR A 297 -14.76 22.58 12.05
CA THR A 297 -15.71 21.50 11.79
C THR A 297 -15.53 20.35 12.77
N VAL A 298 -14.29 19.94 13.04
CA VAL A 298 -14.07 18.86 13.99
C VAL A 298 -14.36 19.33 15.42
N ARG A 299 -13.96 20.57 15.74
CA ARG A 299 -14.25 21.15 17.04
C ARG A 299 -15.75 21.19 17.33
N GLY A 300 -16.55 21.59 16.34
CA GLY A 300 -17.99 21.62 16.55
C GLY A 300 -18.59 20.25 16.80
N ALA A 301 -18.10 19.25 16.07
CA ALA A 301 -18.54 17.86 16.28
C ALA A 301 -18.18 17.37 17.68
N LEU A 302 -16.99 17.73 18.17
CA LEU A 302 -16.60 17.33 19.52
C LEU A 302 -17.43 18.08 20.57
N ARG A 303 -17.61 19.39 20.39
CA ARG A 303 -18.43 20.13 21.34
C ARG A 303 -19.87 19.63 21.36
N GLU A 304 -20.40 19.28 20.18
CA GLU A 304 -21.76 18.76 20.10
C GLU A 304 -21.87 17.40 20.80
N ALA A 305 -20.84 16.58 20.70
CA ALA A 305 -20.79 15.30 21.39
C ALA A 305 -20.47 15.45 22.87
N GLY A 306 -20.29 16.68 23.35
CA GLY A 306 -19.97 16.91 24.74
C GLY A 306 -18.55 16.58 25.14
N LEU A 307 -17.63 16.49 24.19
CA LEU A 307 -16.25 16.10 24.46
C LEU A 307 -15.31 17.29 24.64
N LEU A 308 -15.80 18.51 24.42
CA LEU A 308 -14.97 19.69 24.42
C LEU A 308 -15.73 20.86 25.04
N GLY B 16 22.82 17.15 -16.24
CA GLY B 16 22.30 16.05 -15.44
C GLY B 16 21.97 14.80 -16.24
N ILE B 17 21.63 13.72 -15.53
CA ILE B 17 21.35 12.44 -16.19
C ILE B 17 20.16 12.61 -17.14
N GLN B 18 20.26 11.96 -18.30
CA GLN B 18 19.22 12.02 -19.33
C GLN B 18 18.51 10.67 -19.38
N ILE B 19 17.26 10.63 -18.95
CA ILE B 19 16.45 9.42 -18.99
C ILE B 19 15.32 9.70 -19.96
N ARG B 20 15.31 8.97 -21.07
CA ARG B 20 14.45 9.26 -22.22
C ARG B 20 14.25 7.97 -22.99
N GLY B 21 13.04 7.77 -23.50
CA GLY B 21 12.80 6.61 -24.34
C GLY B 21 12.18 5.43 -23.61
N SER B 22 12.66 4.23 -23.93
CA SER B 22 12.08 2.99 -23.43
C SER B 22 12.83 2.54 -22.18
N VAL B 23 12.11 2.46 -21.07
CA VAL B 23 12.71 2.18 -19.76
C VAL B 23 11.93 1.04 -19.14
N PRO B 24 12.28 -0.21 -19.43
CA PRO B 24 11.59 -1.33 -18.77
C PRO B 24 11.66 -1.18 -17.26
N ALA B 25 10.55 -1.49 -16.61
CA ALA B 25 10.52 -1.76 -15.17
C ALA B 25 10.85 -3.23 -15.02
N ILE B 26 12.15 -3.52 -14.86
CA ILE B 26 12.62 -4.88 -15.04
C ILE B 26 12.19 -5.76 -13.86
N VAL B 27 11.76 -6.98 -14.18
CA VAL B 27 11.45 -7.96 -13.14
C VAL B 27 12.69 -8.28 -12.33
N THR B 28 12.45 -8.88 -11.16
CA THR B 28 13.52 -9.43 -10.32
C THR B 28 13.53 -10.94 -10.49
N PRO B 29 14.47 -11.51 -11.25
CA PRO B 29 14.48 -12.95 -11.44
C PRO B 29 14.68 -13.64 -10.10
N MET B 30 13.93 -14.71 -9.88
CA MET B 30 14.08 -15.51 -8.66
C MET B 30 14.15 -16.99 -9.01
N LEU B 31 14.80 -17.75 -8.11
CA LEU B 31 14.78 -19.20 -8.15
C LEU B 31 13.50 -19.72 -7.51
N GLU B 32 13.39 -21.06 -7.42
CA GLU B 32 12.10 -21.68 -7.09
C GLU B 32 11.56 -21.26 -5.72
N ASP B 33 12.42 -20.98 -4.75
CA ASP B 33 11.97 -20.60 -3.43
C ASP B 33 11.84 -19.09 -3.28
N GLY B 34 11.96 -18.34 -4.37
CA GLY B 34 11.96 -16.89 -4.31
C GLY B 34 13.32 -16.27 -4.15
N GLY B 35 14.37 -17.07 -3.92
CA GLY B 35 15.69 -16.51 -3.77
C GLY B 35 16.13 -15.76 -5.02
N LEU B 36 16.96 -14.75 -4.85
CA LEU B 36 17.38 -13.98 -6.02
C LEU B 36 18.17 -14.84 -7.02
N ASP B 37 18.03 -14.49 -8.29
CA ASP B 37 18.74 -15.17 -9.38
C ASP B 37 19.55 -14.12 -10.13
N LEU B 38 20.69 -13.73 -9.55
CA LEU B 38 21.46 -12.64 -10.13
C LEU B 38 22.08 -13.00 -11.46
N ALA B 39 22.41 -14.29 -11.67
CA ALA B 39 22.99 -14.67 -12.97
C ALA B 39 22.00 -14.46 -14.11
N ALA B 40 20.73 -14.81 -13.90
CA ALA B 40 19.72 -14.57 -14.92
C ALA B 40 19.49 -13.07 -15.10
N PHE B 41 19.57 -12.33 -14.00
CA PHE B 41 19.40 -10.87 -14.04
C PHE B 41 20.48 -10.22 -14.89
N ARG B 42 21.74 -10.60 -14.70
CA ARG B 42 22.79 -9.98 -15.51
C ARG B 42 22.59 -10.30 -16.99
N LYS B 43 22.18 -11.52 -17.30
CA LYS B 43 21.95 -11.88 -18.70
C LYS B 43 20.80 -11.05 -19.27
N LEU B 44 19.77 -10.82 -18.45
CA LEU B 44 18.64 -9.99 -18.89
C LEU B 44 19.10 -8.57 -19.20
N ILE B 45 19.94 -8.00 -18.34
CA ILE B 45 20.45 -6.64 -18.56
C ILE B 45 21.21 -6.56 -19.89
N ASP B 46 22.06 -7.54 -20.16
CA ASP B 46 22.82 -7.53 -21.40
C ASP B 46 21.90 -7.63 -22.61
N TRP B 47 20.88 -8.49 -22.52
CA TRP B 47 19.90 -8.61 -23.58
C TRP B 47 19.17 -7.28 -23.81
N HIS B 48 18.74 -6.62 -22.72
CA HIS B 48 18.11 -5.32 -22.86
C HIS B 48 19.00 -4.33 -23.60
N ILE B 49 20.27 -4.28 -23.24
CA ILE B 49 21.15 -3.32 -23.88
C ILE B 49 21.30 -3.64 -25.36
N GLU B 50 21.45 -4.93 -25.71
CA GLU B 50 21.61 -5.24 -27.11
CA GLU B 50 21.57 -5.35 -27.10
C GLU B 50 20.33 -5.00 -27.90
N GLU B 51 19.15 -5.15 -27.27
CA GLU B 51 17.88 -4.94 -27.97
C GLU B 51 17.48 -3.47 -28.10
N GLY B 52 18.16 -2.55 -27.42
CA GLY B 52 17.89 -1.12 -27.58
C GLY B 52 17.24 -0.44 -26.40
N THR B 53 17.06 -1.13 -25.28
CA THR B 53 16.56 -0.48 -24.07
C THR B 53 17.44 0.73 -23.69
N ASP B 54 16.78 1.81 -23.27
CA ASP B 54 17.42 3.08 -22.99
C ASP B 54 17.85 3.28 -21.54
N ALA B 55 17.16 2.68 -20.58
CA ALA B 55 17.48 2.76 -19.16
C ALA B 55 16.62 1.68 -18.52
N LEU B 56 16.91 1.35 -17.27
CA LEU B 56 16.12 0.39 -16.51
C LEU B 56 15.71 0.98 -15.17
N VAL B 57 14.47 0.68 -14.79
CA VAL B 57 14.02 0.85 -13.40
C VAL B 57 14.12 -0.50 -12.75
N VAL B 58 14.93 -0.57 -11.70
CA VAL B 58 15.24 -1.80 -10.97
C VAL B 58 14.57 -1.71 -9.60
N VAL B 59 14.01 -2.85 -9.18
CA VAL B 59 13.22 -3.05 -7.96
C VAL B 59 12.18 -1.94 -7.81
N GLY B 60 11.47 -1.65 -8.90
CA GLY B 60 10.18 -1.01 -8.83
C GLY B 60 9.09 -2.04 -8.53
N THR B 61 7.83 -1.61 -8.74
CA THR B 61 6.70 -2.51 -8.51
C THR B 61 6.86 -3.80 -9.28
N SER B 62 7.30 -3.70 -10.54
CA SER B 62 7.46 -4.90 -11.36
C SER B 62 8.58 -5.79 -10.87
N GLY B 63 9.50 -5.24 -10.06
CA GLY B 63 10.62 -5.91 -9.42
C GLY B 63 10.31 -6.46 -8.04
N GLU B 64 9.04 -6.43 -7.63
CA GLU B 64 8.60 -6.96 -6.32
C GLU B 64 9.33 -6.30 -5.15
N SER B 65 9.47 -4.98 -5.18
CA SER B 65 10.08 -4.29 -4.05
C SER B 65 9.38 -4.62 -2.73
N ALA B 66 8.08 -4.89 -2.77
CA ALA B 66 7.33 -5.12 -1.53
C ALA B 66 7.80 -6.34 -0.76
N THR B 67 8.45 -7.30 -1.42
CA THR B 67 8.75 -8.56 -0.75
C THR B 67 10.24 -8.81 -0.67
N LEU B 68 11.06 -7.84 -1.06
CA LEU B 68 12.51 -7.92 -0.89
C LEU B 68 12.93 -7.31 0.45
N SER B 69 13.96 -7.90 1.06
CA SER B 69 14.58 -7.24 2.20
C SER B 69 15.36 -6.01 1.72
N VAL B 70 15.69 -5.13 2.66
CA VAL B 70 16.53 -3.99 2.30
C VAL B 70 17.83 -4.47 1.65
N ASP B 71 18.45 -5.52 2.23
CA ASP B 71 19.70 -6.02 1.67
C ASP B 71 19.53 -6.56 0.26
N GLU B 72 18.43 -7.28 -0.01
CA GLU B 72 18.16 -7.79 -1.35
C GLU B 72 17.87 -6.65 -2.32
N HIS B 73 17.11 -5.69 -1.85
CA HIS B 73 16.83 -4.49 -2.64
C HIS B 73 18.12 -3.82 -3.10
N VAL B 74 19.03 -3.59 -2.17
CA VAL B 74 20.30 -2.92 -2.47
C VAL B 74 21.17 -3.80 -3.36
N LEU B 75 21.19 -5.11 -3.10
CA LEU B 75 22.00 -5.99 -3.93
C LEU B 75 21.52 -6.00 -5.37
N MET B 76 20.21 -5.92 -5.58
CA MET B 76 19.71 -5.84 -6.95
C MET B 76 20.18 -4.56 -7.63
N ILE B 77 20.08 -3.43 -6.93
CA ILE B 77 20.54 -2.18 -7.52
C ILE B 77 22.02 -2.27 -7.83
N GLU B 78 22.81 -2.71 -6.85
CA GLU B 78 24.26 -2.79 -7.03
C GLU B 78 24.61 -3.70 -8.20
N THR B 79 23.95 -4.85 -8.28
CA THR B 79 24.19 -5.76 -9.41
C THR B 79 23.86 -5.09 -10.74
N ALA B 80 22.79 -4.32 -10.78
CA ALA B 80 22.40 -3.69 -12.04
C ALA B 80 23.39 -2.59 -12.42
N VAL B 81 23.83 -1.80 -11.44
CA VAL B 81 24.78 -0.73 -11.71
C VAL B 81 26.11 -1.30 -12.21
N LYS B 82 26.65 -2.28 -11.47
CA LYS B 82 27.90 -2.90 -11.88
C LYS B 82 27.77 -3.53 -13.26
N HIS B 83 26.71 -4.30 -13.50
CA HIS B 83 26.67 -5.02 -14.77
C HIS B 83 26.42 -4.06 -15.94
N ALA B 84 25.60 -3.03 -15.73
CA ALA B 84 25.36 -2.07 -16.82
C ALA B 84 26.63 -1.35 -17.22
N ALA B 85 27.53 -1.10 -16.26
CA ALA B 85 28.85 -0.53 -16.51
C ALA B 85 28.73 0.80 -17.29
N LYS B 86 27.78 1.62 -16.87
CA LYS B 86 27.51 2.95 -17.41
C LYS B 86 26.99 2.94 -18.85
N ARG B 87 26.67 1.77 -19.40
CA ARG B 87 26.15 1.74 -20.77
C ARG B 87 24.76 2.36 -20.86
N ILE B 88 23.95 2.21 -19.81
CA ILE B 88 22.63 2.83 -19.71
C ILE B 88 22.41 3.25 -18.27
N PRO B 89 21.55 4.22 -18.05
CA PRO B 89 21.22 4.62 -16.67
C PRO B 89 20.42 3.55 -15.95
N ILE B 90 20.61 3.48 -14.64
CA ILE B 90 19.89 2.60 -13.75
C ILE B 90 19.14 3.48 -12.75
N VAL B 91 17.81 3.38 -12.76
CA VAL B 91 16.93 4.08 -11.82
C VAL B 91 16.49 3.06 -10.81
N ALA B 92 16.70 3.35 -9.52
CA ALA B 92 16.37 2.44 -8.43
C ALA B 92 15.00 2.78 -7.85
N GLY B 93 14.10 1.81 -7.81
CA GLY B 93 12.91 2.02 -7.00
C GLY B 93 13.32 2.16 -5.55
N ALA B 94 12.87 3.22 -4.85
CA ALA B 94 13.29 3.39 -3.46
C ALA B 94 12.24 4.10 -2.60
N GLY B 95 10.97 4.10 -3.03
CA GLY B 95 9.92 4.80 -2.32
C GLY B 95 9.06 3.89 -1.46
N GLY B 96 8.07 4.50 -0.85
CA GLY B 96 7.19 3.78 0.05
C GLY B 96 6.31 4.75 0.81
N ASN B 97 5.59 4.22 1.80
CA ASN B 97 4.63 5.08 2.48
C ASN B 97 5.16 5.60 3.81
N SER B 98 6.46 5.46 4.06
CA SER B 98 7.09 6.07 5.21
C SER B 98 8.19 7.00 4.73
N THR B 99 8.14 8.27 5.14
CA THR B 99 9.13 9.22 4.65
C THR B 99 10.54 8.84 5.11
N THR B 100 10.68 8.46 6.38
CA THR B 100 12.03 8.11 6.84
C THR B 100 12.55 6.84 6.17
N GLU B 101 11.66 5.88 5.88
CA GLU B 101 12.13 4.66 5.21
C GLU B 101 12.54 4.93 3.78
N ALA B 102 11.77 5.77 3.07
CA ALA B 102 12.14 6.14 1.71
C ALA B 102 13.48 6.86 1.69
N ILE B 103 13.75 7.69 2.70
CA ILE B 103 15.06 8.35 2.77
C ILE B 103 16.17 7.33 2.95
N GLU B 104 15.96 6.34 3.84
CA GLU B 104 17.01 5.35 4.04
C GLU B 104 17.27 4.55 2.77
N LEU B 105 16.21 4.10 2.09
CA LEU B 105 16.40 3.35 0.86
C LEU B 105 17.08 4.19 -0.22
N SER B 106 16.72 5.48 -0.30
CA SER B 106 17.38 6.35 -1.27
C SER B 106 18.86 6.52 -0.96
N LYS B 107 19.21 6.63 0.33
CA LYS B 107 20.63 6.65 0.70
C LYS B 107 21.35 5.42 0.18
N HIS B 108 20.75 4.24 0.39
CA HIS B 108 21.36 2.99 -0.05
C HIS B 108 21.50 2.94 -1.57
N ALA B 109 20.51 3.44 -2.29
CA ALA B 109 20.56 3.43 -3.76
C ALA B 109 21.68 4.32 -4.26
N LYS B 110 21.81 5.53 -3.70
CA LYS B 110 22.91 6.39 -4.10
CA LYS B 110 22.90 6.39 -4.11
C LYS B 110 24.24 5.73 -3.82
N ALA B 111 24.35 5.07 -2.67
CA ALA B 111 25.63 4.53 -2.23
C ALA B 111 26.15 3.40 -3.11
N VAL B 112 25.27 2.70 -3.84
CA VAL B 112 25.73 1.66 -4.75
C VAL B 112 25.63 2.08 -6.21
N GLY B 113 25.46 3.37 -6.46
CA GLY B 113 25.70 3.91 -7.78
C GLY B 113 24.49 4.11 -8.67
N ALA B 114 23.27 4.02 -8.13
CA ALA B 114 22.09 4.35 -8.93
C ALA B 114 22.18 5.79 -9.46
N ASP B 115 21.61 6.00 -10.65
CA ASP B 115 21.63 7.32 -11.27
C ASP B 115 20.47 8.19 -10.82
N ALA B 116 19.41 7.60 -10.31
CA ALA B 116 18.23 8.30 -9.80
C ALA B 116 17.41 7.29 -9.02
N THR B 117 16.43 7.79 -8.26
CA THR B 117 15.45 6.90 -7.67
C THR B 117 14.08 7.18 -8.27
N LEU B 118 13.27 6.13 -8.28
CA LEU B 118 11.84 6.21 -8.63
C LEU B 118 11.06 6.15 -7.33
N GLN B 119 10.22 7.18 -7.09
CA GLN B 119 9.59 7.40 -5.78
C GLN B 119 8.07 7.33 -5.91
N VAL B 120 7.45 6.25 -5.42
CA VAL B 120 6.00 6.11 -5.53
C VAL B 120 5.30 7.01 -4.50
N VAL B 121 4.13 7.50 -4.88
CA VAL B 121 3.25 8.16 -3.90
C VAL B 121 2.92 7.17 -2.81
N PRO B 122 2.90 7.58 -1.55
CA PRO B 122 2.57 6.65 -0.46
C PRO B 122 1.26 5.92 -0.68
N TYR B 123 1.30 4.59 -0.55
CA TYR B 123 0.13 3.71 -0.63
C TYR B 123 -0.42 3.46 0.76
N TYR B 124 -1.70 3.08 0.82
CA TYR B 124 -2.35 2.60 2.04
C TYR B 124 -2.66 3.67 3.11
N ASN B 125 -1.73 4.56 3.47
CA ASN B 125 -2.05 5.51 4.54
C ASN B 125 -2.68 6.82 4.05
N LYS B 126 -2.87 6.98 2.74
CA LYS B 126 -3.71 8.05 2.19
C LYS B 126 -3.33 9.45 2.67
N PRO B 127 -2.08 9.88 2.48
CA PRO B 127 -1.72 11.26 2.83
C PRO B 127 -2.51 12.30 2.02
N THR B 128 -2.59 13.49 2.61
CA THR B 128 -3.13 14.66 1.93
C THR B 128 -2.17 15.10 0.80
N GLN B 129 -2.65 16.02 -0.04
CA GLN B 129 -1.74 16.59 -1.04
C GLN B 129 -0.52 17.26 -0.41
N GLU B 130 -0.72 17.96 0.72
CA GLU B 130 0.42 18.58 1.37
CA GLU B 130 0.41 18.58 1.38
C GLU B 130 1.33 17.52 2.00
N GLY B 131 0.75 16.43 2.49
CA GLY B 131 1.55 15.31 2.95
C GLY B 131 2.40 14.71 1.84
N ILE B 132 1.81 14.56 0.65
CA ILE B 132 2.57 14.04 -0.48
C ILE B 132 3.68 15.02 -0.86
N TYR B 133 3.36 16.31 -0.91
CA TYR B 133 4.36 17.31 -1.22
C TYR B 133 5.52 17.23 -0.23
N ARG B 134 5.20 17.23 1.05
CA ARG B 134 6.26 17.23 2.08
CA ARG B 134 6.27 17.24 2.05
C ARG B 134 7.07 15.95 2.04
N HIS B 135 6.42 14.82 1.74
CA HIS B 135 7.09 13.52 1.67
C HIS B 135 8.18 13.52 0.59
N PHE B 136 7.81 13.89 -0.63
CA PHE B 136 8.76 13.89 -1.73
C PHE B 136 9.83 14.97 -1.56
N LYS B 137 9.44 16.15 -1.08
CA LYS B 137 10.43 17.20 -0.85
C LYS B 137 11.47 16.77 0.17
N ALA B 138 11.04 16.10 1.24
CA ALA B 138 11.98 15.60 2.23
C ALA B 138 12.94 14.58 1.62
N ILE B 139 12.44 13.76 0.70
CA ILE B 139 13.27 12.72 0.10
C ILE B 139 14.31 13.34 -0.81
N ALA B 140 13.89 14.29 -1.66
CA ALA B 140 14.81 14.96 -2.56
C ALA B 140 15.89 15.71 -1.77
N GLU B 141 15.51 16.38 -0.68
CA GLU B 141 16.46 17.17 0.08
C GLU B 141 17.45 16.30 0.85
N ALA B 142 17.03 15.10 1.25
CA ALA B 142 17.85 14.30 2.15
C ALA B 142 18.99 13.58 1.45
N VAL B 143 18.82 13.24 0.17
CA VAL B 143 19.77 12.43 -0.59
C VAL B 143 20.04 13.16 -1.89
N ASP B 144 21.31 13.49 -2.15
CA ASP B 144 21.67 14.24 -3.34
C ASP B 144 21.74 13.30 -4.54
N LEU B 145 20.56 12.96 -5.06
CA LEU B 145 20.43 12.09 -6.23
C LEU B 145 19.08 12.44 -6.85
N PRO B 146 18.97 12.46 -8.17
CA PRO B 146 17.70 12.84 -8.80
C PRO B 146 16.55 11.92 -8.42
N VAL B 147 15.34 12.48 -8.44
CA VAL B 147 14.11 11.78 -8.11
C VAL B 147 13.17 11.84 -9.30
N ILE B 148 12.59 10.70 -9.65
CA ILE B 148 11.46 10.65 -10.56
C ILE B 148 10.26 10.25 -9.72
N LEU B 149 9.24 11.11 -9.66
CA LEU B 149 7.99 10.80 -8.96
C LEU B 149 7.21 9.72 -9.70
N TYR B 150 6.33 9.04 -8.98
CA TYR B 150 5.57 7.93 -9.56
C TYR B 150 4.14 7.95 -9.00
N ASN B 151 3.18 8.29 -9.85
CA ASN B 151 1.77 8.36 -9.46
C ASN B 151 1.04 7.17 -10.10
N VAL B 152 0.46 6.31 -9.26
CA VAL B 152 -0.27 5.13 -9.70
C VAL B 152 -1.47 4.93 -8.75
N PRO B 153 -2.49 5.78 -8.84
CA PRO B 153 -3.62 5.69 -7.87
C PRO B 153 -4.35 4.36 -7.93
N GLY B 154 -4.27 3.64 -9.05
CA GLY B 154 -4.86 2.30 -9.11
C GLY B 154 -4.24 1.32 -8.14
N ARG B 155 -3.05 1.63 -7.62
CA ARG B 155 -2.42 0.84 -6.57
CA ARG B 155 -2.40 0.84 -6.58
C ARG B 155 -2.32 1.56 -5.24
N THR B 156 -2.16 2.90 -5.23
CA THR B 156 -1.89 3.59 -3.98
C THR B 156 -3.13 4.13 -3.30
N VAL B 157 -4.23 4.27 -4.04
CA VAL B 157 -5.44 5.04 -3.72
C VAL B 157 -5.19 6.54 -3.70
N ALA B 158 -4.20 7.01 -2.92
CA ALA B 158 -3.84 8.42 -2.97
C ALA B 158 -3.41 8.79 -4.38
N ASP B 159 -3.82 9.98 -4.82
CA ASP B 159 -3.61 10.43 -6.19
C ASP B 159 -2.93 11.79 -6.09
N MET B 160 -1.67 11.87 -6.53
CA MET B 160 -0.96 13.16 -6.56
C MET B 160 -1.52 13.99 -7.72
N SER B 161 -2.18 15.09 -7.37
CA SER B 161 -2.80 15.97 -8.35
C SER B 161 -1.73 16.61 -9.22
N ASN B 162 -2.15 17.08 -10.39
CA ASN B 162 -1.20 17.78 -11.26
C ASN B 162 -0.65 19.02 -10.57
N GLU B 163 -1.47 19.71 -9.78
CA GLU B 163 -1.01 20.87 -9.05
C GLU B 163 0.12 20.50 -8.10
N THR B 164 -0.02 19.39 -7.37
CA THR B 164 1.04 18.97 -6.47
C THR B 164 2.30 18.58 -7.25
N THR B 165 2.12 17.88 -8.37
CA THR B 165 3.26 17.46 -9.19
C THR B 165 4.05 18.66 -9.66
N LEU B 166 3.35 19.68 -10.17
CA LEU B 166 4.04 20.84 -10.71
C LEU B 166 4.71 21.67 -9.62
N ARG B 167 4.19 21.63 -8.38
CA ARG B 167 4.91 22.25 -7.27
C ARG B 167 6.23 21.52 -7.00
N LEU B 168 6.18 20.18 -7.01
CA LEU B 168 7.40 19.41 -6.79
C LEU B 168 8.40 19.55 -7.92
N ALA B 169 7.94 19.88 -9.14
CA ALA B 169 8.87 20.17 -10.23
C ALA B 169 9.73 21.38 -9.96
N GLN B 170 9.39 22.17 -8.94
CA GLN B 170 10.22 23.31 -8.58
C GLN B 170 11.27 22.96 -7.53
N VAL B 171 11.25 21.74 -7.01
CA VAL B 171 12.15 21.30 -5.93
C VAL B 171 13.45 20.80 -6.55
N PRO B 172 14.63 21.30 -6.15
CA PRO B 172 15.87 20.78 -6.73
C PRO B 172 15.96 19.26 -6.58
N GLY B 173 16.36 18.61 -7.66
CA GLY B 173 16.55 17.18 -7.67
C GLY B 173 15.38 16.39 -8.24
N ILE B 174 14.20 16.97 -8.33
CA ILE B 174 13.02 16.24 -8.82
C ILE B 174 12.92 16.45 -10.32
N ILE B 175 13.26 15.40 -11.09
CA ILE B 175 13.51 15.57 -12.51
C ILE B 175 12.38 15.08 -13.38
N GLY B 176 11.34 14.50 -12.81
CA GLY B 176 10.23 14.06 -13.64
C GLY B 176 9.20 13.27 -12.85
N VAL B 177 8.22 12.73 -13.60
CA VAL B 177 7.15 11.91 -13.02
C VAL B 177 6.76 10.79 -13.98
N LYS B 178 6.55 9.60 -13.41
CA LYS B 178 5.93 8.47 -14.10
C LYS B 178 4.42 8.48 -13.81
N ASP B 179 3.62 8.68 -14.83
CA ASP B 179 2.17 8.86 -14.72
C ASP B 179 1.53 7.58 -15.24
N ALA B 180 1.07 6.73 -14.32
CA ALA B 180 0.46 5.46 -14.69
C ALA B 180 -1.06 5.55 -14.79
N THR B 181 -1.64 6.74 -14.75
CA THR B 181 -3.11 6.82 -14.79
C THR B 181 -3.70 6.36 -16.11
N GLY B 182 -2.96 6.45 -17.22
CA GLY B 182 -3.57 6.33 -18.53
C GLY B 182 -4.52 7.43 -18.90
N ASN B 183 -4.55 8.52 -18.14
CA ASN B 183 -5.47 9.62 -18.38
C ASN B 183 -4.78 10.62 -19.30
N ILE B 184 -5.17 10.60 -20.57
CA ILE B 184 -4.41 11.35 -21.57
C ILE B 184 -4.67 12.85 -21.48
N ASP B 185 -5.85 13.26 -20.99
CA ASP B 185 -6.08 14.68 -20.66
C ASP B 185 -5.08 15.14 -19.59
N ARG B 186 -4.96 14.38 -18.50
CA ARG B 186 -4.01 14.74 -17.44
C ARG B 186 -2.58 14.81 -17.97
N ALA B 187 -2.22 13.90 -18.87
CA ALA B 187 -0.86 13.91 -19.43
C ALA B 187 -0.60 15.18 -20.23
N ALA B 188 -1.55 15.56 -21.08
CA ALA B 188 -1.35 16.79 -21.85
C ALA B 188 -1.23 17.99 -20.93
N GLN B 189 -1.99 17.99 -19.82
CA GLN B 189 -1.92 19.11 -18.89
C GLN B 189 -0.53 19.21 -18.27
N LEU B 190 0.04 18.07 -17.87
CA LEU B 190 1.39 18.07 -17.31
C LEU B 190 2.42 18.49 -18.35
N ILE B 191 2.32 17.94 -19.56
CA ILE B 191 3.26 18.30 -20.62
C ILE B 191 3.24 19.80 -20.88
N LYS B 192 2.05 20.39 -20.96
CA LYS B 192 1.96 21.80 -21.29
C LYS B 192 2.57 22.68 -20.19
N ALA B 193 2.36 22.32 -18.93
CA ALA B 193 2.76 23.17 -17.82
C ALA B 193 4.14 22.85 -17.25
N ALA B 194 4.71 21.70 -17.60
CA ALA B 194 5.96 21.28 -16.96
C ALA B 194 7.11 22.24 -17.32
N PRO B 195 7.98 22.55 -16.37
CA PRO B 195 9.18 23.32 -16.71
C PRO B 195 10.11 22.48 -17.58
N ALA B 196 11.06 23.18 -18.21
CA ALA B 196 11.92 22.52 -19.20
C ALA B 196 12.71 21.36 -18.62
N HIS B 197 13.13 21.44 -17.36
CA HIS B 197 13.95 20.36 -16.83
C HIS B 197 13.16 19.12 -16.41
N PHE B 198 11.84 19.11 -16.54
CA PHE B 198 11.01 18.13 -15.85
C PHE B 198 10.34 17.21 -16.86
N SER B 199 10.69 15.92 -16.81
CA SER B 199 10.23 14.93 -17.79
C SER B 199 8.94 14.25 -17.38
N ILE B 200 8.06 13.99 -18.34
CA ILE B 200 6.79 13.27 -18.11
C ILE B 200 6.90 11.91 -18.77
N TYR B 201 6.86 10.84 -17.98
CA TYR B 201 6.96 9.49 -18.52
C TYR B 201 5.63 8.78 -18.37
N SER B 202 5.31 7.90 -19.33
CA SER B 202 4.15 7.05 -19.15
C SER B 202 4.47 5.91 -18.18
N GLY B 203 3.45 5.52 -17.44
CA GLY B 203 3.49 4.29 -16.65
C GLY B 203 2.37 3.35 -17.07
N ASP B 204 1.78 3.62 -18.25
CA ASP B 204 0.61 2.87 -18.74
C ASP B 204 0.89 2.46 -20.17
N ASP B 205 1.40 1.24 -20.35
CA ASP B 205 1.75 0.77 -21.70
C ASP B 205 0.64 0.94 -22.73
N PRO B 206 -0.64 0.69 -22.43
CA PRO B 206 -1.70 0.88 -23.45
C PRO B 206 -1.86 2.28 -23.97
N THR B 207 -1.48 3.32 -23.21
CA THR B 207 -1.64 4.69 -23.66
C THR B 207 -0.33 5.42 -23.85
N ALA B 208 0.82 4.76 -23.64
CA ALA B 208 2.08 5.49 -23.62
C ALA B 208 2.34 6.18 -24.95
N ILE B 209 1.97 5.54 -26.06
CA ILE B 209 2.18 6.14 -27.38
C ILE B 209 1.56 7.52 -27.46
N ALA B 210 0.35 7.68 -26.91
CA ALA B 210 -0.32 8.97 -26.92
C ALA B 210 0.40 9.99 -26.04
N LEU B 211 0.83 9.57 -24.84
CA LEU B 211 1.55 10.50 -23.97
C LEU B 211 2.83 10.99 -24.64
N MET B 212 3.55 10.10 -25.35
CA MET B 212 4.79 10.55 -25.98
C MET B 212 4.51 11.43 -27.18
N LEU B 213 3.52 11.07 -28.01
CA LEU B 213 3.18 11.89 -29.18
C LEU B 213 2.72 13.29 -28.77
N LEU B 214 2.12 13.44 -27.60
CA LEU B 214 1.72 14.76 -27.14
C LEU B 214 2.89 15.59 -26.59
N GLY B 215 4.08 15.00 -26.46
CA GLY B 215 5.25 15.74 -26.00
C GLY B 215 5.93 15.18 -24.75
N GLY B 216 5.45 14.04 -24.23
CA GLY B 216 6.14 13.39 -23.13
C GLY B 216 7.47 12.83 -23.55
N HIS B 217 8.13 12.17 -22.60
CA HIS B 217 9.56 11.90 -22.72
C HIS B 217 9.93 10.43 -22.69
N GLY B 218 9.00 9.51 -22.48
CA GLY B 218 9.38 8.12 -22.43
C GLY B 218 8.30 7.27 -21.79
N ASN B 219 8.61 5.98 -21.66
CA ASN B 219 7.64 5.04 -21.17
C ASN B 219 8.35 4.07 -20.24
N ILE B 220 7.99 4.09 -18.97
CA ILE B 220 8.56 3.17 -17.98
C ILE B 220 7.60 1.98 -17.93
N SER B 221 8.05 0.84 -18.48
CA SER B 221 7.16 -0.11 -19.17
C SER B 221 7.20 -1.54 -18.63
N VAL B 222 6.03 -2.18 -18.64
CA VAL B 222 5.94 -3.62 -18.40
C VAL B 222 6.21 -4.39 -19.68
N THR B 223 5.49 -4.06 -20.78
CA THR B 223 5.66 -4.76 -22.06
C THR B 223 7.11 -4.82 -22.52
N ALA B 224 7.88 -3.75 -22.31
CA ALA B 224 9.28 -3.74 -22.71
C ALA B 224 10.12 -4.82 -22.04
N ASN B 225 9.60 -5.45 -20.97
CA ASN B 225 10.30 -6.61 -20.40
C ASN B 225 10.44 -7.73 -21.41
N VAL B 226 9.43 -7.92 -22.27
CA VAL B 226 9.43 -9.05 -23.20
C VAL B 226 9.67 -8.61 -24.64
N ALA B 227 9.32 -7.37 -24.99
CA ALA B 227 9.58 -6.83 -26.33
C ALA B 227 10.41 -5.56 -26.23
N PRO B 228 11.65 -5.63 -25.72
CA PRO B 228 12.41 -4.39 -25.56
C PRO B 228 12.78 -3.73 -26.89
N ARG B 229 13.03 -4.51 -27.93
CA ARG B 229 13.40 -3.90 -29.20
C ARG B 229 12.21 -3.15 -29.77
N ALA B 230 11.05 -3.81 -29.83
CA ALA B 230 9.85 -3.16 -30.38
C ALA B 230 9.49 -1.92 -29.57
N MET B 231 9.58 -2.01 -28.24
CA MET B 231 9.20 -0.86 -27.42
C MET B 231 10.22 0.27 -27.56
N SER B 232 11.50 -0.06 -27.72
CA SER B 232 12.49 0.98 -27.96
CA SER B 232 12.50 0.97 -27.96
C SER B 232 12.21 1.69 -29.28
N GLU B 233 11.77 0.94 -30.31
CA GLU B 233 11.45 1.55 -31.60
C GLU B 233 10.15 2.35 -31.55
N LEU B 234 9.18 1.88 -30.77
CA LEU B 234 7.93 2.62 -30.56
C LEU B 234 8.20 3.97 -29.91
N CYS B 235 8.95 3.96 -28.80
CA CYS B 235 9.30 5.19 -28.12
C CYS B 235 10.10 6.12 -29.03
N ARG B 236 11.10 5.57 -29.74
CA ARG B 236 11.92 6.38 -30.64
C ARG B 236 11.06 7.09 -31.66
N ALA B 237 10.11 6.37 -32.26
CA ALA B 237 9.24 6.95 -33.27
C ALA B 237 8.29 7.97 -32.64
N ALA B 238 7.66 7.61 -31.51
CA ALA B 238 6.69 8.52 -30.90
C ALA B 238 7.35 9.82 -30.47
N LEU B 239 8.57 9.74 -29.94
CA LEU B 239 9.29 10.93 -29.50
C LEU B 239 9.80 11.77 -30.67
N ALA B 240 9.89 11.19 -31.87
CA ALA B 240 10.25 11.91 -33.08
C ALA B 240 9.03 12.34 -33.89
N ALA B 241 7.85 12.25 -33.29
CA ALA B 241 6.60 12.67 -33.91
C ALA B 241 6.28 11.84 -35.15
N ASP B 242 6.78 10.62 -35.23
CA ASP B 242 6.49 9.74 -36.37
C ASP B 242 5.31 8.85 -35.97
N VAL B 243 4.08 9.37 -36.17
CA VAL B 243 2.86 8.65 -35.78
C VAL B 243 2.79 7.30 -36.45
N LYS B 244 2.99 7.29 -37.78
CA LYS B 244 2.73 6.09 -38.56
C LYS B 244 3.59 4.92 -38.09
N THR B 245 4.89 5.17 -37.87
CA THR B 245 5.75 4.09 -37.40
C THR B 245 5.38 3.67 -36.00
N ALA B 246 5.19 4.65 -35.11
CA ALA B 246 4.85 4.33 -33.74
C ALA B 246 3.54 3.56 -33.65
N ARG B 247 2.50 4.00 -34.39
CA ARG B 247 1.21 3.33 -34.23
C ARG B 247 1.21 1.93 -34.85
N GLU B 248 2.03 1.68 -35.89
CA GLU B 248 2.08 0.33 -36.45
C GLU B 248 2.69 -0.65 -35.44
N ILE B 249 3.73 -0.21 -34.72
CA ILE B 249 4.29 -1.05 -33.67
C ILE B 249 3.29 -1.21 -32.54
N HIS B 250 2.65 -0.12 -32.14
CA HIS B 250 1.71 -0.18 -31.03
C HIS B 250 0.60 -1.18 -31.29
N MET B 251 0.00 -1.14 -32.48
CA MET B 251 -1.10 -2.04 -32.78
C MET B 251 -0.67 -3.50 -32.76
N LYS B 252 0.58 -3.78 -33.17
CA LYS B 252 1.07 -5.16 -33.13
C LYS B 252 1.17 -5.65 -31.69
N LEU B 253 1.48 -4.77 -30.75
CA LEU B 253 1.67 -5.12 -29.35
C LEU B 253 0.40 -4.97 -28.53
N LEU B 254 -0.72 -4.65 -29.16
CA LEU B 254 -1.90 -4.25 -28.42
C LEU B 254 -2.40 -5.35 -27.49
N SER B 255 -2.46 -6.59 -27.98
CA SER B 255 -2.90 -7.71 -27.14
CA SER B 255 -2.91 -7.69 -27.12
C SER B 255 -1.93 -7.96 -25.99
N LEU B 256 -0.63 -7.78 -26.23
CA LEU B 256 0.35 -7.95 -25.15
C LEU B 256 0.13 -6.91 -24.06
N HIS B 257 -0.05 -5.64 -24.45
CA HIS B 257 -0.35 -4.58 -23.48
C HIS B 257 -1.52 -4.97 -22.58
N LYS B 258 -2.48 -5.72 -23.11
CA LYS B 258 -3.64 -6.14 -22.35
C LYS B 258 -3.36 -7.37 -21.50
N HIS B 259 -2.87 -8.44 -22.12
CA HIS B 259 -2.80 -9.70 -21.41
C HIS B 259 -1.65 -9.78 -20.43
N LEU B 260 -0.68 -8.84 -20.50
CA LEU B 260 0.33 -8.78 -19.44
C LEU B 260 -0.24 -8.26 -18.12
N PHE B 261 -1.55 -7.92 -18.10
CA PHE B 261 -2.25 -7.50 -16.90
C PHE B 261 -3.47 -8.38 -16.63
N ILE B 262 -3.51 -9.56 -17.24
CA ILE B 262 -4.63 -10.47 -17.05
C ILE B 262 -4.74 -10.86 -15.58
N GLU B 263 -3.60 -10.89 -14.88
CA GLU B 263 -3.52 -10.87 -13.43
C GLU B 263 -2.55 -9.75 -13.07
N ALA B 264 -2.53 -9.37 -11.81
CA ALA B 264 -1.77 -8.17 -11.43
C ALA B 264 -0.30 -8.27 -11.82
N ASN B 265 0.20 -7.21 -12.47
CA ASN B 265 1.62 -7.12 -12.77
C ASN B 265 2.41 -7.19 -11.46
N PRO B 266 3.52 -7.97 -11.41
CA PRO B 266 4.21 -8.64 -12.52
C PRO B 266 3.92 -10.14 -12.67
N ILE B 267 2.78 -10.63 -12.17
CA ILE B 267 2.47 -12.05 -12.32
C ILE B 267 2.54 -12.51 -13.79
N PRO B 268 1.86 -11.87 -14.75
CA PRO B 268 1.90 -12.39 -16.12
C PRO B 268 3.25 -12.23 -16.79
N VAL B 269 3.92 -11.10 -16.59
CA VAL B 269 5.17 -10.89 -17.32
C VAL B 269 6.27 -11.81 -16.80
N LYS B 270 6.25 -12.16 -15.52
CA LYS B 270 7.22 -13.16 -15.04
C LYS B 270 6.95 -14.52 -15.65
N TRP B 271 5.68 -14.93 -15.76
CA TRP B 271 5.39 -16.18 -16.46
C TRP B 271 5.82 -16.11 -17.92
N ALA B 272 5.60 -14.96 -18.57
CA ALA B 272 5.99 -14.83 -19.97
C ALA B 272 7.50 -14.98 -20.13
N LEU B 273 8.29 -14.26 -19.31
CA LEU B 273 9.74 -14.37 -19.43
C LEU B 273 10.23 -15.79 -19.15
N GLN B 274 9.53 -16.52 -18.28
CA GLN B 274 9.90 -17.93 -18.07
C GLN B 274 9.61 -18.76 -19.32
N GLN B 275 8.48 -18.51 -19.99
CA GLN B 275 8.20 -19.25 -21.21
C GLN B 275 9.22 -18.93 -22.29
N MET B 276 9.77 -17.72 -22.27
CA MET B 276 10.81 -17.30 -23.21
C MET B 276 12.18 -17.81 -22.83
N GLY B 277 12.29 -18.54 -21.73
CA GLY B 277 13.56 -19.11 -21.32
C GLY B 277 14.53 -18.17 -20.63
N LYS B 278 14.04 -17.01 -20.16
CA LYS B 278 14.95 -15.98 -19.66
C LYS B 278 15.07 -15.93 -18.15
N ILE B 279 14.07 -16.46 -17.42
CA ILE B 279 14.09 -16.52 -15.96
C ILE B 279 13.41 -17.81 -15.52
N ALA B 280 13.61 -18.15 -14.25
CA ALA B 280 12.93 -19.26 -13.62
C ALA B 280 11.60 -18.78 -13.02
N GLY B 281 10.90 -19.68 -12.34
CA GLY B 281 9.54 -19.38 -11.94
C GLY B 281 9.34 -18.71 -10.59
N GLY B 282 10.40 -18.34 -9.88
CA GLY B 282 10.22 -17.81 -8.53
C GLY B 282 9.42 -16.52 -8.51
N ILE B 283 8.53 -16.40 -7.53
CA ILE B 283 7.75 -15.19 -7.28
C ILE B 283 7.26 -15.26 -5.84
N ARG B 284 7.28 -14.14 -5.12
CA ARG B 284 7.11 -14.16 -3.66
C ARG B 284 5.69 -13.82 -3.22
N LEU B 285 5.14 -14.65 -2.34
CA LEU B 285 3.85 -14.38 -1.73
C LEU B 285 3.83 -12.98 -1.12
N PRO B 286 2.71 -12.25 -1.21
CA PRO B 286 1.38 -12.72 -1.65
C PRO B 286 1.18 -12.84 -3.15
N LEU B 287 2.17 -12.46 -3.98
CA LEU B 287 2.01 -12.78 -5.39
C LEU B 287 2.21 -14.28 -5.61
N THR B 288 1.67 -14.76 -6.72
CA THR B 288 1.53 -16.18 -7.06
C THR B 288 1.86 -16.39 -8.52
N PRO B 289 2.32 -17.58 -8.89
CA PRO B 289 2.53 -17.88 -10.31
C PRO B 289 1.25 -17.69 -11.10
N LEU B 290 1.38 -17.20 -12.34
CA LEU B 290 0.22 -16.95 -13.20
C LEU B 290 -0.74 -18.13 -13.18
N ASP B 291 -2.02 -17.85 -12.92
CA ASP B 291 -3.06 -18.88 -12.90
C ASP B 291 -3.04 -19.70 -14.18
N GLU B 292 -3.06 -21.03 -14.03
CA GLU B 292 -3.08 -21.95 -15.16
C GLU B 292 -4.17 -21.60 -16.17
N ARG B 293 -5.29 -21.05 -15.72
CA ARG B 293 -6.37 -20.70 -16.65
C ARG B 293 -6.00 -19.57 -17.60
N CYS B 294 -4.96 -18.80 -17.30
CA CYS B 294 -4.53 -17.68 -18.13
C CYS B 294 -3.41 -18.03 -19.09
N HIS B 295 -2.84 -19.23 -19.00
CA HIS B 295 -1.59 -19.53 -19.70
C HIS B 295 -1.79 -19.48 -21.21
N GLU B 296 -2.83 -20.15 -21.69
CA GLU B 296 -3.12 -20.16 -23.12
C GLU B 296 -3.24 -18.75 -23.68
N THR B 297 -3.98 -17.87 -22.99
CA THR B 297 -4.19 -16.52 -23.50
C THR B 297 -2.89 -15.75 -23.57
N VAL B 298 -2.10 -15.80 -22.50
CA VAL B 298 -0.85 -15.03 -22.48
C VAL B 298 0.13 -15.59 -23.50
N ARG B 299 0.25 -16.91 -23.59
CA ARG B 299 1.19 -17.45 -24.56
C ARG B 299 0.76 -17.08 -25.97
N GLY B 300 -0.55 -17.10 -26.23
CA GLY B 300 -1.05 -16.70 -27.53
C GLY B 300 -0.64 -15.29 -27.91
N ALA B 301 -0.73 -14.36 -26.97
CA ALA B 301 -0.27 -12.99 -27.23
C ALA B 301 1.23 -12.97 -27.50
N LEU B 302 2.01 -13.72 -26.72
CA LEU B 302 3.45 -13.79 -26.97
C LEU B 302 3.74 -14.31 -28.37
N ARG B 303 3.15 -15.46 -28.71
CA ARG B 303 3.39 -16.08 -30.02
CA ARG B 303 3.42 -16.06 -30.01
C ARG B 303 2.99 -15.15 -31.14
N GLU B 304 1.83 -14.50 -31.00
CA GLU B 304 1.35 -13.57 -32.02
C GLU B 304 2.32 -12.43 -32.24
N ALA B 305 2.91 -11.91 -31.15
CA ALA B 305 3.87 -10.83 -31.25
C ALA B 305 5.26 -11.29 -31.71
N GLY B 306 5.41 -12.54 -32.15
CA GLY B 306 6.70 -13.01 -32.61
C GLY B 306 7.75 -13.18 -31.53
N LEU B 307 7.35 -13.23 -30.27
CA LEU B 307 8.27 -13.46 -29.17
C LEU B 307 8.44 -14.94 -28.83
N LEU B 308 7.59 -15.79 -29.40
CA LEU B 308 7.52 -17.20 -29.08
C LEU B 308 7.15 -17.95 -30.36
#